data_1X9B
#
_entry.id   1X9B
#
_entity_poly.entity_id   1
_entity_poly.type   'polypeptide(L)'
_entity_poly.pdbx_seq_one_letter_code
;RNLSDRAKFESMINSPSKSVFVRNLNELEALAVRLGKSYRIQLDQAKEKWKVK
;
_entity_poly.pdbx_strand_id   A
#
# COMPACT_ATOMS: atom_id res chain seq x y z
N ARG A 1 12.97 -13.14 7.80
CA ARG A 1 13.17 -12.08 8.83
C ARG A 1 11.88 -11.30 9.08
N ASN A 2 11.59 -11.00 10.34
CA ASN A 2 10.39 -10.24 10.67
C ASN A 2 10.59 -8.74 10.42
N LEU A 3 9.56 -7.95 10.71
CA LEU A 3 9.61 -6.48 10.50
C LEU A 3 9.77 -6.13 9.01
N SER A 4 9.38 -7.06 8.14
CA SER A 4 9.48 -6.86 6.70
C SER A 4 8.25 -6.12 6.15
N ASP A 5 8.11 -4.85 6.53
CA ASP A 5 7.00 -4.03 6.08
C ASP A 5 7.05 -3.81 4.56
N ARG A 6 8.26 -3.81 4.00
CA ARG A 6 8.42 -3.64 2.56
C ARG A 6 7.77 -4.82 1.82
N ALA A 7 7.88 -6.00 2.41
CA ALA A 7 7.29 -7.21 1.84
C ALA A 7 5.76 -7.11 1.85
N LYS A 8 5.22 -6.56 2.93
CA LYS A 8 3.77 -6.37 3.06
C LYS A 8 3.28 -5.44 1.96
N PHE A 9 4.03 -4.37 1.73
CA PHE A 9 3.72 -3.39 0.69
C PHE A 9 3.71 -4.05 -0.69
N GLU A 10 4.80 -4.73 -1.00
CA GLU A 10 4.94 -5.43 -2.29
C GLU A 10 3.89 -6.54 -2.44
N SER A 11 3.45 -7.10 -1.32
CA SER A 11 2.46 -8.18 -1.35
C SER A 11 1.07 -7.61 -1.60
N MET A 12 0.79 -6.49 -0.94
CA MET A 12 -0.48 -5.80 -1.07
C MET A 12 -0.63 -5.14 -2.44
N ILE A 13 0.45 -4.51 -2.89
CA ILE A 13 0.46 -3.80 -4.16
C ILE A 13 0.43 -4.77 -5.37
N ASN A 14 0.69 -6.05 -5.11
CA ASN A 14 0.73 -7.07 -6.16
C ASN A 14 -0.56 -7.13 -7.01
N SER A 15 -1.68 -7.51 -6.41
CA SER A 15 -2.95 -7.59 -7.16
C SER A 15 -4.16 -7.29 -6.27
N PRO A 16 -4.35 -6.03 -5.86
CA PRO A 16 -5.47 -5.63 -5.02
C PRO A 16 -6.72 -5.22 -5.82
N SER A 17 -7.86 -5.84 -5.53
CA SER A 17 -9.13 -5.51 -6.22
C SER A 17 -9.68 -4.18 -5.70
N LYS A 18 -10.91 -3.83 -6.08
CA LYS A 18 -11.50 -2.56 -5.62
C LYS A 18 -11.74 -2.57 -4.11
N SER A 19 -12.72 -3.36 -3.65
CA SER A 19 -13.03 -3.45 -2.22
C SER A 19 -11.81 -3.98 -1.45
N VAL A 20 -11.07 -4.87 -2.12
CA VAL A 20 -9.86 -5.45 -1.53
C VAL A 20 -8.79 -4.36 -1.32
N PHE A 21 -8.73 -3.40 -2.25
CA PHE A 21 -7.78 -2.30 -2.15
C PHE A 21 -8.06 -1.45 -0.92
N VAL A 22 -9.31 -1.06 -0.72
CA VAL A 22 -9.67 -0.23 0.43
C VAL A 22 -9.35 -0.94 1.76
N ARG A 23 -9.80 -2.19 1.90
CA ARG A 23 -9.56 -2.97 3.12
C ARG A 23 -8.05 -3.16 3.37
N ASN A 24 -7.26 -3.11 2.32
CA ASN A 24 -5.81 -3.24 2.46
C ASN A 24 -5.15 -1.86 2.57
N LEU A 25 -5.78 -0.86 1.96
CA LEU A 25 -5.31 0.52 1.95
C LEU A 25 -5.05 1.06 3.35
N ASN A 26 -5.96 0.84 4.29
CA ASN A 26 -5.75 1.32 5.67
C ASN A 26 -4.38 0.87 6.22
N GLU A 27 -4.10 -0.43 6.15
CA GLU A 27 -2.83 -0.96 6.62
C GLU A 27 -1.71 -0.56 5.66
N LEU A 28 -2.04 -0.53 4.37
CA LEU A 28 -1.10 -0.14 3.33
C LEU A 28 -0.55 1.26 3.58
N GLU A 29 -1.45 2.20 3.92
CA GLU A 29 -1.05 3.57 4.20
C GLU A 29 -0.19 3.62 5.47
N ALA A 30 -0.52 2.78 6.46
CA ALA A 30 0.24 2.72 7.69
C ALA A 30 1.65 2.20 7.40
N LEU A 31 1.72 1.16 6.58
CA LEU A 31 3.00 0.57 6.20
C LEU A 31 3.84 1.56 5.37
N ALA A 32 3.18 2.30 4.48
CA ALA A 32 3.85 3.30 3.65
C ALA A 32 4.58 4.34 4.52
N VAL A 33 3.87 4.84 5.53
CA VAL A 33 4.45 5.83 6.46
C VAL A 33 5.60 5.20 7.26
N ARG A 34 5.41 3.95 7.67
CA ARG A 34 6.44 3.22 8.42
C ARG A 34 7.72 3.05 7.59
N LEU A 35 7.57 2.74 6.31
CA LEU A 35 8.71 2.57 5.42
C LEU A 35 9.42 3.90 5.16
N GLY A 36 8.64 4.95 4.93
CA GLY A 36 9.22 6.26 4.69
C GLY A 36 8.30 7.19 3.91
N LYS A 37 8.87 7.93 2.96
CA LYS A 37 8.08 8.86 2.16
C LYS A 37 8.11 8.46 0.67
N SER A 38 9.21 7.86 0.23
CA SER A 38 9.32 7.44 -1.17
C SER A 38 8.30 6.34 -1.49
N TYR A 39 8.15 5.38 -0.59
CA TYR A 39 7.18 4.30 -0.77
C TYR A 39 5.75 4.83 -0.61
N ARG A 40 5.60 5.93 0.12
CA ARG A 40 4.30 6.56 0.31
C ARG A 40 3.77 7.07 -1.03
N ILE A 41 4.69 7.52 -1.88
CA ILE A 41 4.35 7.99 -3.22
C ILE A 41 3.79 6.83 -4.05
N GLN A 42 4.41 5.66 -3.91
CA GLN A 42 3.95 4.46 -4.62
C GLN A 42 2.56 4.08 -4.14
N LEU A 43 2.32 4.28 -2.84
CA LEU A 43 1.02 4.00 -2.25
C LEU A 43 -0.03 4.90 -2.93
N ASP A 44 0.24 6.20 -2.94
CA ASP A 44 -0.64 7.18 -3.59
C ASP A 44 -0.87 6.81 -5.06
N GLN A 45 0.17 6.30 -5.71
CA GLN A 45 0.08 5.86 -7.11
C GLN A 45 -0.98 4.76 -7.26
N ALA A 46 -0.98 3.83 -6.31
CA ALA A 46 -1.96 2.74 -6.30
C ALA A 46 -3.37 3.28 -6.03
N LYS A 47 -3.47 4.29 -5.17
CA LYS A 47 -4.76 4.92 -4.86
C LYS A 47 -5.36 5.53 -6.13
N GLU A 48 -4.55 6.32 -6.84
CA GLU A 48 -4.99 6.95 -8.07
C GLU A 48 -5.21 5.90 -9.17
N LYS A 49 -4.41 4.83 -9.11
CA LYS A 49 -4.52 3.73 -10.08
C LYS A 49 -5.95 3.22 -10.15
N TRP A 50 -6.56 3.03 -8.99
CA TRP A 50 -7.94 2.60 -8.92
C TRP A 50 -8.84 3.82 -9.10
N LYS A 51 -8.70 4.74 -8.15
CA LYS A 51 -9.47 6.00 -8.15
C LYS A 51 -9.17 6.78 -6.87
N VAL A 52 -9.61 6.21 -5.74
CA VAL A 52 -9.46 6.79 -4.38
C VAL A 52 -9.35 8.32 -4.38
N LYS A 53 -10.46 8.98 -4.71
CA LYS A 53 -10.51 10.44 -4.76
C LYS A 53 -11.52 10.99 -3.74
N ARG A 1 13.73 -6.59 13.81
CA ARG A 1 12.95 -7.40 14.78
C ARG A 1 11.48 -7.51 14.39
N ASN A 2 11.15 -7.21 13.14
CA ASN A 2 9.77 -7.27 12.66
C ASN A 2 9.68 -7.88 11.27
N LEU A 3 8.47 -8.09 10.78
CA LEU A 3 8.27 -8.64 9.44
C LEU A 3 8.66 -7.63 8.37
N SER A 4 9.02 -8.11 7.18
CA SER A 4 9.42 -7.22 6.09
C SER A 4 8.25 -6.39 5.57
N ASP A 5 8.22 -5.12 5.94
CA ASP A 5 7.17 -4.21 5.50
C ASP A 5 7.16 -4.09 3.98
N ARG A 6 8.35 -4.17 3.39
CA ARG A 6 8.50 -4.07 1.94
C ARG A 6 7.87 -5.27 1.23
N ALA A 7 8.14 -6.47 1.74
CA ALA A 7 7.56 -7.68 1.17
C ALA A 7 6.04 -7.66 1.30
N LYS A 8 5.56 -7.19 2.46
CA LYS A 8 4.13 -7.07 2.73
C LYS A 8 3.48 -6.06 1.78
N PHE A 9 4.19 -4.96 1.54
CA PHE A 9 3.72 -3.91 0.64
C PHE A 9 3.52 -4.44 -0.78
N GLU A 10 4.59 -4.96 -1.37
CA GLU A 10 4.53 -5.48 -2.74
C GLU A 10 3.63 -6.72 -2.84
N SER A 11 3.36 -7.37 -1.72
CA SER A 11 2.51 -8.57 -1.74
C SER A 11 1.04 -8.17 -1.84
N MET A 12 0.72 -7.07 -1.19
CA MET A 12 -0.63 -6.52 -1.21
C MET A 12 -0.83 -5.69 -2.47
N ILE A 13 0.19 -4.92 -2.82
CA ILE A 13 0.17 -4.06 -3.99
C ILE A 13 0.21 -4.86 -5.31
N ASN A 14 0.62 -6.12 -5.21
CA ASN A 14 0.74 -7.02 -6.36
C ASN A 14 -0.51 -6.99 -7.27
N SER A 15 -1.62 -7.53 -6.77
CA SER A 15 -2.86 -7.55 -7.55
C SER A 15 -4.10 -7.35 -6.65
N PRO A 16 -4.33 -6.12 -6.19
CA PRO A 16 -5.48 -5.80 -5.33
C PRO A 16 -6.70 -5.28 -6.10
N SER A 17 -7.87 -5.83 -5.79
CA SER A 17 -9.12 -5.40 -6.43
C SER A 17 -9.58 -4.07 -5.83
N LYS A 18 -10.72 -3.53 -6.25
CA LYS A 18 -11.20 -2.27 -5.70
C LYS A 18 -11.52 -2.41 -4.20
N SER A 19 -12.38 -3.36 -3.87
CA SER A 19 -12.75 -3.63 -2.47
C SER A 19 -11.54 -4.11 -1.67
N VAL A 20 -10.70 -4.90 -2.33
CA VAL A 20 -9.49 -5.40 -1.71
C VAL A 20 -8.51 -4.25 -1.42
N PHE A 21 -8.34 -3.37 -2.40
CA PHE A 21 -7.44 -2.22 -2.26
C PHE A 21 -7.76 -1.40 -1.02
N VAL A 22 -9.01 -0.99 -0.83
CA VAL A 22 -9.36 -0.18 0.34
C VAL A 22 -9.17 -0.92 1.68
N ARG A 23 -9.75 -2.13 1.80
CA ARG A 23 -9.64 -2.91 3.04
C ARG A 23 -8.17 -3.22 3.39
N ASN A 24 -7.32 -3.28 2.37
CA ASN A 24 -5.90 -3.53 2.59
C ASN A 24 -5.11 -2.22 2.63
N LEU A 25 -5.67 -1.16 2.04
CA LEU A 25 -5.06 0.17 2.01
C LEU A 25 -4.71 0.65 3.41
N ASN A 26 -5.58 0.36 4.37
CA ASN A 26 -5.31 0.73 5.76
C ASN A 26 -3.90 0.26 6.18
N GLU A 27 -3.66 -1.05 6.03
CA GLU A 27 -2.37 -1.63 6.37
C GLU A 27 -1.32 -1.20 5.34
N LEU A 28 -1.74 -1.17 4.08
CA LEU A 28 -0.88 -0.78 2.97
C LEU A 28 -0.28 0.61 3.17
N GLU A 29 -1.10 1.55 3.63
CA GLU A 29 -0.66 2.91 3.89
C GLU A 29 0.29 2.94 5.09
N ALA A 30 -0.01 2.13 6.11
CA ALA A 30 0.84 2.05 7.29
C ALA A 30 2.19 1.46 6.93
N LEU A 31 2.18 0.50 6.01
CA LEU A 31 3.40 -0.14 5.54
C LEU A 31 4.28 0.86 4.79
N ALA A 32 3.64 1.69 3.97
CA ALA A 32 4.35 2.72 3.21
C ALA A 32 5.08 3.69 4.14
N VAL A 33 4.39 4.11 5.21
CA VAL A 33 4.98 5.02 6.19
C VAL A 33 6.16 4.34 6.90
N ARG A 34 5.98 3.07 7.23
CA ARG A 34 7.02 2.28 7.90
C ARG A 34 8.27 2.14 7.03
N LEU A 35 8.07 1.92 5.73
CA LEU A 35 9.19 1.78 4.79
C LEU A 35 9.90 3.11 4.55
N GLY A 36 9.15 4.15 4.19
CA GLY A 36 9.75 5.45 3.95
C GLY A 36 8.93 6.34 3.04
N LYS A 37 9.33 7.61 2.97
CA LYS A 37 8.66 8.62 2.13
C LYS A 37 8.56 8.19 0.66
N SER A 38 9.53 7.40 0.19
CA SER A 38 9.54 6.93 -1.19
C SER A 38 8.34 6.02 -1.49
N TYR A 39 8.14 5.01 -0.65
CA TYR A 39 7.03 4.08 -0.82
C TYR A 39 5.68 4.77 -0.58
N ARG A 40 5.71 5.88 0.16
CA ARG A 40 4.50 6.64 0.42
C ARG A 40 3.92 7.18 -0.89
N ILE A 41 4.81 7.54 -1.83
CA ILE A 41 4.41 8.04 -3.13
C ILE A 41 3.78 6.91 -3.96
N GLN A 42 4.36 5.72 -3.84
CA GLN A 42 3.84 4.53 -4.55
C GLN A 42 2.43 4.21 -4.04
N LEU A 43 2.25 4.30 -2.73
CA LEU A 43 0.95 4.04 -2.11
C LEU A 43 -0.07 5.08 -2.61
N ASP A 44 0.32 6.35 -2.59
CA ASP A 44 -0.54 7.43 -3.07
C ASP A 44 -0.96 7.20 -4.53
N GLN A 45 -0.03 6.70 -5.33
CA GLN A 45 -0.29 6.39 -6.74
C GLN A 45 -1.41 5.35 -6.86
N ALA A 46 -1.36 4.33 -6.00
CA ALA A 46 -2.38 3.28 -6.00
C ALA A 46 -3.75 3.85 -5.63
N LYS A 47 -3.78 4.85 -4.76
CA LYS A 47 -5.05 5.49 -4.36
C LYS A 47 -5.66 6.29 -5.52
N GLU A 48 -4.82 7.03 -6.24
CA GLU A 48 -5.29 7.86 -7.34
C GLU A 48 -5.57 7.03 -8.60
N LYS A 49 -4.87 5.91 -8.78
CA LYS A 49 -5.07 5.06 -9.95
C LYS A 49 -6.48 4.43 -9.94
N TRP A 50 -7.04 4.27 -8.74
CA TRP A 50 -8.38 3.68 -8.59
C TRP A 50 -9.47 4.76 -8.67
N LYS A 51 -9.04 6.02 -8.82
CA LYS A 51 -9.96 7.16 -8.91
C LYS A 51 -10.76 7.35 -7.61
N VAL A 52 -10.09 7.19 -6.48
CA VAL A 52 -10.75 7.34 -5.17
C VAL A 52 -11.09 8.82 -4.90
N LYS A 53 -12.11 9.05 -4.09
CA LYS A 53 -12.53 10.41 -3.75
C LYS A 53 -11.96 10.84 -2.39
N ARG A 1 14.54 -1.02 12.74
CA ARG A 1 14.44 -2.16 11.81
C ARG A 1 12.98 -2.42 11.39
N ASN A 2 12.69 -2.30 10.11
CA ASN A 2 11.33 -2.53 9.62
C ASN A 2 11.25 -3.69 8.60
N LEU A 3 11.20 -4.91 9.12
CA LEU A 3 11.10 -6.10 8.29
C LEU A 3 9.66 -6.61 8.26
N SER A 4 9.38 -7.60 7.40
CA SER A 4 8.03 -8.19 7.27
C SER A 4 7.07 -7.24 6.54
N ASP A 5 7.02 -5.98 7.00
CA ASP A 5 6.16 -4.95 6.40
C ASP A 5 6.37 -4.88 4.88
N ARG A 6 7.64 -5.00 4.46
CA ARG A 6 7.99 -4.96 3.05
C ARG A 6 7.30 -6.06 2.24
N ALA A 7 7.40 -7.30 2.73
CA ALA A 7 6.77 -8.43 2.07
C ALA A 7 5.25 -8.28 2.03
N LYS A 8 4.67 -7.87 3.16
CA LYS A 8 3.23 -7.66 3.25
C LYS A 8 2.77 -6.62 2.22
N PHE A 9 3.57 -5.57 2.08
CA PHE A 9 3.30 -4.48 1.14
C PHE A 9 3.23 -4.99 -0.31
N GLU A 10 4.33 -5.57 -0.79
CA GLU A 10 4.39 -6.09 -2.15
C GLU A 10 3.38 -7.24 -2.37
N SER A 11 2.93 -7.84 -1.28
CA SER A 11 1.98 -8.95 -1.36
C SER A 11 0.57 -8.43 -1.61
N MET A 12 0.18 -7.46 -0.79
CA MET A 12 -1.12 -6.83 -0.87
C MET A 12 -1.25 -5.96 -2.12
N ILE A 13 -0.16 -5.28 -2.46
CA ILE A 13 -0.13 -4.38 -3.60
C ILE A 13 -0.18 -5.15 -4.94
N ASN A 14 -0.11 -6.47 -4.87
CA ASN A 14 -0.13 -7.31 -6.06
C ASN A 14 -1.50 -7.34 -6.75
N SER A 15 -1.67 -6.49 -7.77
CA SER A 15 -2.91 -6.38 -8.55
C SER A 15 -4.17 -6.35 -7.67
N PRO A 16 -4.39 -5.25 -6.93
CA PRO A 16 -5.56 -5.12 -6.06
C PRO A 16 -6.79 -4.53 -6.77
N SER A 17 -7.97 -5.08 -6.50
CA SER A 17 -9.22 -4.59 -7.10
C SER A 17 -9.62 -3.25 -6.48
N LYS A 18 -10.68 -2.62 -6.99
CA LYS A 18 -11.14 -1.34 -6.43
C LYS A 18 -11.58 -1.53 -4.97
N SER A 19 -12.59 -2.37 -4.77
CA SER A 19 -13.10 -2.67 -3.43
C SER A 19 -12.01 -3.31 -2.57
N VAL A 20 -11.26 -4.23 -3.18
CA VAL A 20 -10.16 -4.90 -2.51
C VAL A 20 -9.09 -3.90 -2.08
N PHE A 21 -8.83 -2.90 -2.92
CA PHE A 21 -7.84 -1.88 -2.62
C PHE A 21 -8.19 -1.14 -1.33
N VAL A 22 -9.43 -0.69 -1.20
CA VAL A 22 -9.83 0.02 0.01
C VAL A 22 -9.62 -0.82 1.28
N ARG A 23 -10.14 -2.06 1.27
CA ARG A 23 -10.02 -2.95 2.43
C ARG A 23 -8.55 -3.26 2.78
N ASN A 24 -7.66 -3.28 1.80
CA ASN A 24 -6.25 -3.55 2.09
C ASN A 24 -5.44 -2.26 2.25
N LEU A 25 -5.90 -1.16 1.64
CA LEU A 25 -5.25 0.15 1.74
C LEU A 25 -5.04 0.55 3.19
N ASN A 26 -5.99 0.22 4.05
CA ASN A 26 -5.84 0.52 5.48
C ASN A 26 -4.47 0.00 6.00
N GLU A 27 -4.24 -1.31 5.86
CA GLU A 27 -2.99 -1.93 6.29
C GLU A 27 -1.85 -1.53 5.35
N LEU A 28 -2.15 -1.49 4.06
CA LEU A 28 -1.18 -1.13 3.03
C LEU A 28 -0.57 0.26 3.28
N GLU A 29 -1.41 1.23 3.60
CA GLU A 29 -0.95 2.59 3.88
C GLU A 29 -0.11 2.64 5.15
N ALA A 30 -0.50 1.87 6.16
CA ALA A 30 0.26 1.83 7.41
C ALA A 30 1.66 1.28 7.14
N LEU A 31 1.72 0.25 6.30
CA LEU A 31 2.99 -0.37 5.94
C LEU A 31 3.88 0.60 5.16
N ALA A 32 3.27 1.33 4.22
CA ALA A 32 4.01 2.31 3.41
C ALA A 32 4.71 3.36 4.29
N VAL A 33 3.97 3.92 5.23
CA VAL A 33 4.51 4.93 6.14
C VAL A 33 5.63 4.34 7.02
N ARG A 34 5.45 3.09 7.43
CA ARG A 34 6.45 2.41 8.27
C ARG A 34 7.73 2.09 7.47
N LEU A 35 7.58 1.74 6.20
CA LEU A 35 8.71 1.42 5.33
C LEU A 35 9.55 2.66 4.98
N GLY A 36 8.91 3.68 4.43
CA GLY A 36 9.63 4.90 4.06
C GLY A 36 8.80 5.87 3.21
N LYS A 37 9.41 6.97 2.80
CA LYS A 37 8.72 7.97 1.99
C LYS A 37 8.56 7.52 0.53
N SER A 38 9.60 6.91 -0.02
CA SER A 38 9.55 6.42 -1.41
C SER A 38 8.42 5.39 -1.60
N TYR A 39 8.29 4.46 -0.66
CA TYR A 39 7.23 3.46 -0.72
C TYR A 39 5.85 4.10 -0.54
N ARG A 40 5.82 5.22 0.19
CA ARG A 40 4.57 5.95 0.41
C ARG A 40 4.07 6.49 -0.94
N ILE A 41 5.01 6.95 -1.76
CA ILE A 41 4.69 7.47 -3.10
C ILE A 41 4.13 6.34 -3.98
N GLN A 42 4.71 5.15 -3.85
CA GLN A 42 4.25 3.98 -4.61
C GLN A 42 2.79 3.66 -4.26
N LEU A 43 2.50 3.65 -2.97
CA LEU A 43 1.14 3.40 -2.48
C LEU A 43 0.21 4.51 -2.98
N ASP A 44 0.66 5.75 -2.83
CA ASP A 44 -0.07 6.93 -3.28
C ASP A 44 -0.49 6.79 -4.75
N GLN A 45 0.44 6.32 -5.58
CA GLN A 45 0.18 6.09 -7.01
C GLN A 45 -0.96 5.09 -7.18
N ALA A 46 -0.95 4.04 -6.37
CA ALA A 46 -2.01 3.03 -6.40
C ALA A 46 -3.36 3.62 -5.96
N LYS A 47 -3.34 4.47 -4.94
CA LYS A 47 -4.56 5.13 -4.46
C LYS A 47 -5.17 6.00 -5.56
N GLU A 48 -4.29 6.66 -6.32
CA GLU A 48 -4.71 7.53 -7.41
C GLU A 48 -5.31 6.71 -8.54
N LYS A 49 -4.70 5.55 -8.79
CA LYS A 49 -5.17 4.63 -9.82
C LYS A 49 -6.63 4.22 -9.61
N TRP A 50 -7.01 4.02 -8.35
CA TRP A 50 -8.38 3.62 -8.00
C TRP A 50 -9.21 4.80 -7.50
N LYS A 51 -8.61 5.99 -7.46
CA LYS A 51 -9.28 7.20 -6.98
C LYS A 51 -9.80 7.03 -5.55
N VAL A 52 -8.99 6.42 -4.68
CA VAL A 52 -9.38 6.16 -3.30
C VAL A 52 -8.71 7.14 -2.31
N LYS A 53 -9.41 8.23 -2.01
CA LYS A 53 -8.94 9.27 -1.07
C LYS A 53 -7.42 9.56 -1.16
N ARG A 1 4.22 -10.29 13.94
CA ARG A 1 5.52 -10.05 13.27
C ARG A 1 5.36 -9.99 11.76
N ASN A 2 5.93 -8.95 11.13
CA ASN A 2 5.84 -8.79 9.69
C ASN A 2 7.18 -9.14 9.00
N LEU A 3 7.09 -9.82 7.87
CA LEU A 3 8.28 -10.19 7.11
C LEU A 3 8.78 -9.02 6.25
N SER A 4 9.55 -8.13 6.86
CA SER A 4 10.08 -6.93 6.19
C SER A 4 8.97 -5.93 5.85
N ASP A 5 9.10 -4.73 6.40
CA ASP A 5 8.10 -3.68 6.16
C ASP A 5 7.97 -3.37 4.66
N ARG A 6 9.10 -3.29 3.97
CA ARG A 6 9.11 -2.99 2.54
C ARG A 6 8.57 -4.19 1.72
N ALA A 7 8.94 -5.39 2.11
CA ALA A 7 8.46 -6.60 1.41
C ALA A 7 6.95 -6.74 1.59
N LYS A 8 6.47 -6.50 2.81
CA LYS A 8 5.04 -6.56 3.10
C LYS A 8 4.28 -5.57 2.21
N PHE A 9 4.84 -4.38 2.10
CA PHE A 9 4.27 -3.31 1.27
C PHE A 9 4.08 -3.77 -0.18
N GLU A 10 5.19 -4.13 -0.84
CA GLU A 10 5.14 -4.58 -2.22
C GLU A 10 4.35 -5.89 -2.36
N SER A 11 4.18 -6.59 -1.24
CA SER A 11 3.45 -7.87 -1.23
C SER A 11 1.95 -7.60 -1.30
N MET A 12 1.50 -6.69 -0.46
CA MET A 12 0.09 -6.30 -0.43
C MET A 12 -0.29 -5.53 -1.68
N ILE A 13 0.65 -4.70 -2.14
CA ILE A 13 0.45 -3.88 -3.31
C ILE A 13 0.45 -4.72 -4.61
N ASN A 14 0.75 -6.02 -4.48
CA ASN A 14 0.81 -6.92 -5.62
C ASN A 14 -0.61 -7.35 -6.08
N SER A 15 -0.99 -6.93 -7.27
CA SER A 15 -2.30 -7.24 -7.86
C SER A 15 -3.46 -7.06 -6.87
N PRO A 16 -3.73 -5.81 -6.45
CA PRO A 16 -4.81 -5.51 -5.53
C PRO A 16 -6.12 -5.12 -6.22
N SER A 17 -7.21 -5.81 -5.88
CA SER A 17 -8.52 -5.51 -6.48
C SER A 17 -9.07 -4.20 -5.92
N LYS A 18 -10.21 -3.74 -6.42
CA LYS A 18 -10.80 -2.48 -5.95
C LYS A 18 -11.05 -2.50 -4.43
N SER A 19 -12.05 -3.25 -3.99
CA SER A 19 -12.38 -3.36 -2.57
C SER A 19 -11.21 -3.98 -1.79
N VAL A 20 -10.52 -4.91 -2.44
CA VAL A 20 -9.37 -5.57 -1.83
C VAL A 20 -8.26 -4.55 -1.53
N PHE A 21 -8.08 -3.60 -2.43
CA PHE A 21 -7.09 -2.55 -2.27
C PHE A 21 -7.38 -1.69 -1.04
N VAL A 22 -8.61 -1.18 -0.94
CA VAL A 22 -8.97 -0.31 0.20
C VAL A 22 -8.75 -0.99 1.56
N ARG A 23 -9.30 -2.19 1.75
CA ARG A 23 -9.13 -2.91 3.02
C ARG A 23 -7.64 -3.14 3.34
N ASN A 24 -6.84 -3.46 2.32
CA ASN A 24 -5.41 -3.67 2.54
C ASN A 24 -4.67 -2.33 2.62
N LEU A 25 -5.23 -1.30 1.98
CA LEU A 25 -4.68 0.06 1.98
C LEU A 25 -4.43 0.55 3.40
N ASN A 26 -5.33 0.22 4.33
CA ASN A 26 -5.15 0.59 5.73
C ASN A 26 -3.73 0.25 6.22
N GLU A 27 -3.37 -1.03 6.14
CA GLU A 27 -2.04 -1.48 6.56
C GLU A 27 -1.00 -0.99 5.55
N LEU A 28 -1.38 -1.00 4.27
CA LEU A 28 -0.52 -0.54 3.19
C LEU A 28 -0.03 0.90 3.45
N GLU A 29 -0.92 1.77 3.90
CA GLU A 29 -0.59 3.16 4.21
C GLU A 29 0.32 3.23 5.43
N ALA A 30 0.06 2.39 6.43
CA ALA A 30 0.87 2.35 7.63
C ALA A 30 2.29 1.92 7.26
N LEU A 31 2.39 0.96 6.35
CA LEU A 31 3.67 0.47 5.87
C LEU A 31 4.42 1.56 5.12
N ALA A 32 3.70 2.28 4.25
CA ALA A 32 4.29 3.37 3.47
C ALA A 32 4.92 4.43 4.37
N VAL A 33 4.21 4.81 5.44
CA VAL A 33 4.72 5.80 6.39
C VAL A 33 6.01 5.30 7.06
N ARG A 34 6.06 4.02 7.36
CA ARG A 34 7.24 3.41 7.97
C ARG A 34 8.46 3.49 7.04
N LEU A 35 8.26 3.12 5.78
CA LEU A 35 9.34 3.12 4.79
C LEU A 35 9.79 4.52 4.39
N GLY A 36 8.85 5.40 4.08
CA GLY A 36 9.22 6.76 3.70
C GLY A 36 8.32 7.38 2.63
N LYS A 37 8.63 8.63 2.27
CA LYS A 37 7.86 9.37 1.28
C LYS A 37 7.86 8.70 -0.11
N SER A 38 8.95 8.06 -0.49
CA SER A 38 9.03 7.40 -1.80
C SER A 38 7.93 6.36 -1.97
N TYR A 39 7.80 5.47 -0.98
CA TYR A 39 6.77 4.43 -1.03
C TYR A 39 5.38 5.05 -0.87
N ARG A 40 5.29 6.14 -0.12
CA ARG A 40 4.03 6.85 0.07
C ARG A 40 3.48 7.32 -1.28
N ILE A 41 4.37 7.86 -2.12
CA ILE A 41 3.98 8.33 -3.45
C ILE A 41 3.50 7.17 -4.32
N GLN A 42 4.25 6.07 -4.32
CA GLN A 42 3.89 4.87 -5.09
C GLN A 42 2.52 4.35 -4.66
N LEU A 43 2.29 4.31 -3.36
CA LEU A 43 1.02 3.85 -2.81
C LEU A 43 -0.12 4.79 -3.17
N ASP A 44 0.14 6.10 -3.07
CA ASP A 44 -0.86 7.11 -3.41
C ASP A 44 -1.31 6.95 -4.87
N GLN A 45 -0.38 6.62 -5.75
CA GLN A 45 -0.71 6.38 -7.16
C GLN A 45 -1.63 5.17 -7.29
N ALA A 46 -1.35 4.14 -6.49
CA ALA A 46 -2.18 2.93 -6.48
C ALA A 46 -3.63 3.25 -6.07
N LYS A 47 -3.81 4.16 -5.11
CA LYS A 47 -5.15 4.55 -4.68
C LYS A 47 -5.85 5.34 -5.80
N GLU A 48 -5.08 6.14 -6.53
CA GLU A 48 -5.60 6.94 -7.63
C GLU A 48 -6.12 6.02 -8.72
N LYS A 49 -5.39 4.93 -8.94
CA LYS A 49 -5.74 3.91 -9.92
C LYS A 49 -7.16 3.38 -9.68
N TRP A 50 -7.50 3.19 -8.41
CA TRP A 50 -8.83 2.70 -8.04
C TRP A 50 -9.78 3.84 -7.64
N LYS A 51 -9.33 5.08 -7.82
CA LYS A 51 -10.10 6.28 -7.48
C LYS A 51 -10.39 6.37 -5.97
N VAL A 52 -9.51 5.80 -5.16
CA VAL A 52 -9.66 5.82 -3.71
C VAL A 52 -9.10 7.12 -3.10
N LYS A 53 -9.96 7.89 -2.45
CA LYS A 53 -9.57 9.15 -1.84
C LYS A 53 -9.78 9.15 -0.32
N ARG A 1 16.32 -9.44 7.71
CA ARG A 1 15.15 -8.82 8.40
C ARG A 1 13.84 -9.53 8.03
N ASN A 2 13.15 -9.01 7.01
CA ASN A 2 11.87 -9.59 6.55
C ASN A 2 10.79 -9.58 7.63
N LEU A 3 9.61 -10.11 7.29
CA LEU A 3 8.47 -10.16 8.23
C LEU A 3 8.16 -8.78 8.85
N SER A 4 8.23 -7.75 8.01
CA SER A 4 7.97 -6.39 8.47
C SER A 4 7.06 -5.63 7.50
N ASP A 5 6.98 -4.32 7.68
CA ASP A 5 6.16 -3.46 6.83
C ASP A 5 6.58 -3.57 5.34
N ARG A 6 7.87 -3.81 5.11
CA ARG A 6 8.42 -3.94 3.75
C ARG A 6 7.72 -5.03 2.94
N ALA A 7 7.82 -6.27 3.42
CA ALA A 7 7.19 -7.41 2.76
C ALA A 7 5.66 -7.27 2.69
N LYS A 8 5.07 -6.76 3.76
CA LYS A 8 3.62 -6.57 3.82
C LYS A 8 3.14 -5.60 2.73
N PHE A 9 3.90 -4.54 2.52
CA PHE A 9 3.58 -3.53 1.51
C PHE A 9 3.56 -4.13 0.10
N GLU A 10 4.70 -4.68 -0.32
CA GLU A 10 4.81 -5.28 -1.65
C GLU A 10 3.86 -6.47 -1.82
N SER A 11 3.39 -7.02 -0.70
CA SER A 11 2.47 -8.15 -0.72
C SER A 11 1.06 -7.68 -1.06
N MET A 12 0.66 -6.60 -0.41
CA MET A 12 -0.65 -6.00 -0.61
C MET A 12 -0.71 -5.22 -1.92
N ILE A 13 0.40 -4.57 -2.24
CA ILE A 13 0.51 -3.74 -3.43
C ILE A 13 0.54 -4.55 -4.74
N ASN A 14 0.69 -5.86 -4.61
CA ASN A 14 0.76 -6.76 -5.76
C ASN A 14 -0.41 -6.58 -6.75
N SER A 15 -1.58 -7.13 -6.43
CA SER A 15 -2.75 -6.99 -7.31
C SER A 15 -4.07 -7.03 -6.53
N PRO A 16 -4.43 -5.91 -5.87
CA PRO A 16 -5.67 -5.81 -5.10
C PRO A 16 -6.86 -5.24 -5.90
N SER A 17 -8.06 -5.70 -5.57
CA SER A 17 -9.28 -5.23 -6.24
C SER A 17 -9.60 -3.80 -5.81
N LYS A 18 -10.60 -3.18 -6.45
CA LYS A 18 -10.98 -1.81 -6.09
C LYS A 18 -11.42 -1.72 -4.61
N SER A 19 -12.50 -2.43 -4.27
CA SER A 19 -13.01 -2.44 -2.90
C SER A 19 -11.96 -3.02 -1.94
N VAL A 20 -11.19 -3.97 -2.43
CA VAL A 20 -10.13 -4.59 -1.63
C VAL A 20 -9.01 -3.58 -1.38
N PHE A 21 -8.70 -2.77 -2.38
CA PHE A 21 -7.65 -1.74 -2.25
C PHE A 21 -7.95 -0.80 -1.10
N VAL A 22 -9.20 -0.38 -0.97
CA VAL A 22 -9.57 0.52 0.14
C VAL A 22 -9.43 -0.20 1.50
N ARG A 23 -9.99 -1.41 1.60
CA ARG A 23 -9.94 -2.17 2.85
C ARG A 23 -8.50 -2.47 3.28
N ASN A 24 -7.60 -2.69 2.33
CA ASN A 24 -6.20 -2.95 2.67
C ASN A 24 -5.40 -1.64 2.73
N LEU A 25 -5.91 -0.59 2.07
CA LEU A 25 -5.29 0.73 2.05
C LEU A 25 -5.05 1.23 3.46
N ASN A 26 -6.00 0.97 4.36
CA ASN A 26 -5.84 1.37 5.77
C ASN A 26 -4.47 0.94 6.32
N GLU A 27 -4.19 -0.36 6.28
CA GLU A 27 -2.93 -0.89 6.74
C GLU A 27 -1.82 -0.51 5.76
N LEU A 28 -2.16 -0.53 4.48
CA LEU A 28 -1.21 -0.17 3.41
C LEU A 28 -0.62 1.23 3.63
N GLU A 29 -1.49 2.19 3.95
CA GLU A 29 -1.05 3.56 4.21
C GLU A 29 -0.17 3.62 5.45
N ALA A 30 -0.54 2.85 6.49
CA ALA A 30 0.24 2.82 7.72
C ALA A 30 1.62 2.24 7.44
N LEU A 31 1.65 1.17 6.64
CA LEU A 31 2.91 0.53 6.27
C LEU A 31 3.81 1.51 5.51
N ALA A 32 3.22 2.25 4.57
CA ALA A 32 3.96 3.23 3.78
C ALA A 32 4.58 4.32 4.66
N VAL A 33 3.78 4.86 5.60
CA VAL A 33 4.25 5.90 6.51
C VAL A 33 5.38 5.37 7.40
N ARG A 34 5.26 4.12 7.83
CA ARG A 34 6.28 3.49 8.68
C ARG A 34 7.58 3.24 7.92
N LEU A 35 7.47 2.78 6.68
CA LEU A 35 8.64 2.51 5.86
C LEU A 35 9.36 3.79 5.41
N GLY A 36 8.63 4.71 4.77
CA GLY A 36 9.25 5.95 4.31
C GLY A 36 8.49 6.64 3.18
N LYS A 37 8.98 7.81 2.76
CA LYS A 37 8.33 8.60 1.70
C LYS A 37 8.33 7.85 0.36
N SER A 38 9.39 7.09 0.08
CA SER A 38 9.46 6.33 -1.17
C SER A 38 8.27 5.39 -1.32
N TYR A 39 7.85 4.80 -0.21
CA TYR A 39 6.73 3.89 -0.21
C TYR A 39 5.40 4.66 -0.29
N ARG A 40 5.39 5.89 0.22
CA ARG A 40 4.18 6.73 0.13
C ARG A 40 3.84 6.95 -1.34
N ILE A 41 4.86 7.27 -2.13
CA ILE A 41 4.70 7.50 -3.56
C ILE A 41 4.24 6.22 -4.27
N GLN A 42 4.84 5.08 -3.93
CA GLN A 42 4.46 3.79 -4.52
C GLN A 42 2.97 3.54 -4.29
N LEU A 43 2.53 3.73 -3.05
CA LEU A 43 1.14 3.55 -2.69
C LEU A 43 0.28 4.57 -3.44
N ASP A 44 0.70 5.84 -3.39
CA ASP A 44 0.02 6.93 -4.09
C ASP A 44 -0.20 6.58 -5.57
N GLN A 45 0.80 5.96 -6.19
CA GLN A 45 0.68 5.52 -7.58
C GLN A 45 -0.48 4.55 -7.74
N ALA A 46 -0.55 3.57 -6.84
CA ALA A 46 -1.65 2.59 -6.85
C ALA A 46 -2.98 3.28 -6.50
N LYS A 47 -2.91 4.28 -5.61
CA LYS A 47 -4.09 5.04 -5.21
C LYS A 47 -4.66 5.83 -6.40
N GLU A 48 -3.78 6.32 -7.26
CA GLU A 48 -4.19 7.06 -8.45
C GLU A 48 -4.83 6.10 -9.45
N LYS A 49 -4.23 4.92 -9.57
CA LYS A 49 -4.73 3.87 -10.47
C LYS A 49 -6.18 3.51 -10.14
N TRP A 50 -6.46 3.27 -8.87
CA TRP A 50 -7.82 2.93 -8.42
C TRP A 50 -8.66 4.18 -8.14
N LYS A 51 -8.02 5.35 -8.19
CA LYS A 51 -8.67 6.66 -7.94
C LYS A 51 -9.04 6.87 -6.46
N VAL A 52 -9.52 5.82 -5.80
CA VAL A 52 -9.91 5.88 -4.38
C VAL A 52 -11.06 6.87 -4.13
N LYS A 53 -12.28 6.35 -4.09
CA LYS A 53 -13.46 7.20 -3.86
C LYS A 53 -13.71 7.42 -2.35
N ARG A 1 7.89 -15.58 11.58
CA ARG A 1 8.89 -14.51 11.33
C ARG A 1 8.21 -13.20 10.91
N ASN A 2 8.63 -12.08 11.49
CA ASN A 2 8.07 -10.78 11.16
C ASN A 2 8.41 -10.38 9.71
N LEU A 3 7.38 -10.30 8.88
CA LEU A 3 7.56 -9.93 7.48
C LEU A 3 8.02 -8.46 7.34
N SER A 4 9.09 -8.24 6.59
CA SER A 4 9.64 -6.90 6.37
C SER A 4 8.56 -5.92 5.86
N ASP A 5 8.53 -4.72 6.44
CA ASP A 5 7.55 -3.69 6.04
C ASP A 5 7.65 -3.37 4.54
N ARG A 6 8.89 -3.31 4.03
CA ARG A 6 9.12 -3.05 2.60
C ARG A 6 8.47 -4.14 1.75
N ALA A 7 8.65 -5.39 2.17
CA ALA A 7 8.08 -6.54 1.47
C ALA A 7 6.56 -6.52 1.58
N LYS A 8 6.04 -6.09 2.72
CA LYS A 8 4.59 -6.00 2.93
C LYS A 8 3.95 -5.11 1.86
N PHE A 9 4.55 -3.95 1.64
CA PHE A 9 4.10 -3.00 0.63
C PHE A 9 4.13 -3.64 -0.75
N GLU A 10 5.29 -4.19 -1.08
CA GLU A 10 5.51 -4.86 -2.36
C GLU A 10 4.56 -6.06 -2.53
N SER A 11 4.17 -6.63 -1.40
CA SER A 11 3.27 -7.80 -1.39
C SER A 11 1.83 -7.37 -1.65
N MET A 12 1.42 -6.32 -0.96
CA MET A 12 0.08 -5.77 -1.11
C MET A 12 -0.11 -5.13 -2.48
N ILE A 13 0.94 -4.44 -2.93
CA ILE A 13 0.91 -3.75 -4.21
C ILE A 13 0.92 -4.72 -5.40
N ASN A 14 1.20 -6.01 -5.12
CA ASN A 14 1.26 -7.05 -6.14
C ASN A 14 0.01 -7.11 -7.03
N SER A 15 -1.13 -7.50 -6.46
CA SER A 15 -2.38 -7.59 -7.24
C SER A 15 -3.63 -7.59 -6.34
N PRO A 16 -3.98 -6.44 -5.76
CA PRO A 16 -5.16 -6.32 -4.92
C PRO A 16 -6.41 -5.85 -5.69
N SER A 17 -7.59 -6.26 -5.23
CA SER A 17 -8.84 -5.85 -5.87
C SER A 17 -9.23 -4.43 -5.45
N LYS A 18 -10.30 -3.88 -6.00
CA LYS A 18 -10.72 -2.52 -5.64
C LYS A 18 -11.12 -2.44 -4.17
N SER A 19 -12.16 -3.19 -3.79
CA SER A 19 -12.62 -3.23 -2.40
C SER A 19 -11.50 -3.69 -1.46
N VAL A 20 -10.76 -4.71 -1.92
CA VAL A 20 -9.62 -5.24 -1.15
C VAL A 20 -8.56 -4.15 -0.96
N PHE A 21 -8.31 -3.38 -2.02
CA PHE A 21 -7.35 -2.29 -1.98
C PHE A 21 -7.63 -1.34 -0.82
N VAL A 22 -8.87 -0.87 -0.71
CA VAL A 22 -9.23 0.07 0.36
C VAL A 22 -9.02 -0.52 1.77
N ARG A 23 -9.63 -1.67 2.04
CA ARG A 23 -9.49 -2.30 3.35
C ARG A 23 -8.02 -2.60 3.69
N ASN A 24 -7.22 -2.97 2.68
CA ASN A 24 -5.80 -3.24 2.90
C ASN A 24 -5.00 -1.92 2.90
N LEU A 25 -5.54 -0.91 2.21
CA LEU A 25 -4.94 0.41 2.14
C LEU A 25 -4.69 1.00 3.52
N ASN A 26 -5.57 0.70 4.46
CA ASN A 26 -5.38 1.17 5.84
C ASN A 26 -3.97 0.82 6.33
N GLU A 27 -3.61 -0.46 6.29
CA GLU A 27 -2.29 -0.91 6.69
C GLU A 27 -1.25 -0.49 5.65
N LEU A 28 -1.65 -0.55 4.38
CA LEU A 28 -0.79 -0.16 3.27
C LEU A 28 -0.28 1.28 3.43
N GLU A 29 -1.19 2.17 3.79
CA GLU A 29 -0.87 3.58 4.02
C GLU A 29 0.08 3.72 5.21
N ALA A 30 -0.19 2.96 6.28
CA ALA A 30 0.66 2.98 7.47
C ALA A 30 2.05 2.48 7.11
N LEU A 31 2.10 1.45 6.26
CA LEU A 31 3.36 0.89 5.81
C LEU A 31 4.17 1.92 5.02
N ALA A 32 3.48 2.61 4.11
CA ALA A 32 4.12 3.66 3.30
C ALA A 32 4.74 4.74 4.18
N VAL A 33 4.00 5.17 5.20
CA VAL A 33 4.48 6.19 6.14
C VAL A 33 5.67 5.66 6.95
N ARG A 34 5.56 4.42 7.43
CA ARG A 34 6.63 3.79 8.20
C ARG A 34 7.94 3.69 7.40
N LEU A 35 7.83 3.34 6.12
CA LEU A 35 9.00 3.22 5.26
C LEU A 35 9.63 4.59 4.97
N GLY A 36 8.79 5.58 4.70
CA GLY A 36 9.30 6.92 4.44
C GLY A 36 8.31 7.80 3.69
N LYS A 37 8.81 8.57 2.74
CA LYS A 37 7.96 9.46 1.95
C LYS A 37 7.92 9.03 0.48
N SER A 38 9.02 8.43 0.00
CA SER A 38 9.09 7.96 -1.39
C SER A 38 8.02 6.91 -1.68
N TYR A 39 7.91 5.93 -0.78
CA TYR A 39 6.92 4.86 -0.91
C TYR A 39 5.49 5.40 -0.79
N ARG A 40 5.33 6.52 -0.10
CA ARG A 40 4.01 7.12 0.07
C ARG A 40 3.49 7.63 -1.28
N ILE A 41 4.39 8.11 -2.12
CA ILE A 41 4.02 8.59 -3.45
C ILE A 41 3.48 7.45 -4.29
N GLN A 42 4.14 6.29 -4.21
CA GLN A 42 3.72 5.09 -4.92
C GLN A 42 2.36 4.62 -4.39
N LEU A 43 2.17 4.78 -3.08
CA LEU A 43 0.92 4.42 -2.42
C LEU A 43 -0.23 5.26 -2.98
N ASP A 44 -0.01 6.58 -3.03
CA ASP A 44 -1.01 7.50 -3.59
C ASP A 44 -1.33 7.17 -5.05
N GLN A 45 -0.31 6.76 -5.80
CA GLN A 45 -0.49 6.36 -7.20
C GLN A 45 -1.44 5.16 -7.29
N ALA A 46 -1.27 4.21 -6.38
CA ALA A 46 -2.11 3.01 -6.32
C ALA A 46 -3.58 3.39 -6.05
N LYS A 47 -3.79 4.39 -5.20
CA LYS A 47 -5.15 4.86 -4.89
C LYS A 47 -5.83 5.37 -6.16
N GLU A 48 -5.09 6.12 -6.98
CA GLU A 48 -5.62 6.65 -8.22
C GLU A 48 -5.87 5.54 -9.23
N LYS A 49 -5.04 4.50 -9.17
CA LYS A 49 -5.17 3.34 -10.05
C LYS A 49 -6.55 2.68 -9.89
N TRP A 50 -6.99 2.57 -8.64
CA TRP A 50 -8.29 1.97 -8.33
C TRP A 50 -9.37 3.04 -8.15
N LYS A 51 -9.00 4.30 -8.41
CA LYS A 51 -9.91 5.45 -8.27
C LYS A 51 -10.49 5.57 -6.85
N VAL A 52 -9.63 5.36 -5.87
CA VAL A 52 -10.00 5.45 -4.46
C VAL A 52 -9.44 6.73 -3.84
N LYS A 53 -10.22 7.38 -2.99
CA LYS A 53 -9.78 8.63 -2.32
C LYS A 53 -8.49 8.44 -1.50
N ARG A 1 8.34 -10.80 14.40
CA ARG A 1 9.15 -9.57 14.61
C ARG A 1 10.30 -9.48 13.60
N ASN A 2 9.97 -9.03 12.40
CA ASN A 2 10.96 -8.91 11.33
C ASN A 2 10.65 -7.72 10.41
N LEU A 3 11.60 -7.32 9.57
CA LEU A 3 11.40 -6.22 8.63
C LEU A 3 10.55 -6.65 7.43
N SER A 4 9.38 -7.22 7.72
CA SER A 4 8.46 -7.71 6.68
C SER A 4 7.65 -6.58 6.05
N ASP A 5 7.69 -5.39 6.65
CA ASP A 5 6.95 -4.22 6.15
C ASP A 5 7.17 -3.99 4.65
N ARG A 6 8.42 -4.07 4.22
CA ARG A 6 8.78 -3.86 2.81
C ARG A 6 8.08 -4.85 1.87
N ALA A 7 8.29 -6.14 2.09
CA ALA A 7 7.68 -7.18 1.27
C ALA A 7 6.15 -7.16 1.37
N LYS A 8 5.64 -6.95 2.58
CA LYS A 8 4.18 -6.89 2.82
C LYS A 8 3.55 -5.79 1.95
N PHE A 9 4.22 -4.65 1.85
CA PHE A 9 3.77 -3.52 1.06
C PHE A 9 3.63 -3.88 -0.42
N GLU A 10 4.75 -4.25 -1.04
CA GLU A 10 4.76 -4.61 -2.46
C GLU A 10 3.93 -5.89 -2.72
N SER A 11 3.60 -6.61 -1.65
CA SER A 11 2.81 -7.84 -1.77
C SER A 11 1.34 -7.49 -1.91
N MET A 12 0.90 -6.64 -1.00
CA MET A 12 -0.48 -6.18 -0.94
C MET A 12 -0.80 -5.22 -2.09
N ILE A 13 0.18 -4.42 -2.47
CA ILE A 13 0.01 -3.44 -3.54
C ILE A 13 -0.05 -4.11 -4.93
N ASN A 14 0.40 -5.37 -4.99
CA ASN A 14 0.42 -6.11 -6.25
C ASN A 14 -0.97 -6.70 -6.60
N SER A 15 -1.51 -6.26 -7.73
CA SER A 15 -2.83 -6.71 -8.22
C SER A 15 -3.94 -6.55 -7.16
N PRO A 16 -4.27 -5.30 -6.79
CA PRO A 16 -5.31 -5.04 -5.81
C PRO A 16 -6.70 -4.78 -6.45
N SER A 17 -7.68 -5.61 -6.10
CA SER A 17 -9.05 -5.45 -6.62
C SER A 17 -9.76 -4.26 -5.94
N LYS A 18 -11.05 -4.09 -6.19
CA LYS A 18 -11.80 -2.98 -5.58
C LYS A 18 -11.86 -3.12 -4.05
N SER A 19 -12.65 -4.10 -3.58
CA SER A 19 -12.79 -4.36 -2.15
C SER A 19 -11.45 -4.73 -1.53
N VAL A 20 -10.64 -5.44 -2.31
CA VAL A 20 -9.31 -5.85 -1.86
C VAL A 20 -8.43 -4.62 -1.62
N PHE A 21 -8.50 -3.64 -2.52
CA PHE A 21 -7.71 -2.42 -2.39
C PHE A 21 -8.02 -1.70 -1.09
N VAL A 22 -9.30 -1.53 -0.76
CA VAL A 22 -9.66 -0.83 0.48
C VAL A 22 -9.08 -1.52 1.73
N ARG A 23 -9.41 -2.81 1.91
CA ARG A 23 -8.91 -3.56 3.07
C ARG A 23 -7.37 -3.61 3.09
N ASN A 24 -6.75 -3.58 1.91
CA ASN A 24 -5.30 -3.57 1.81
C ASN A 24 -4.76 -2.19 2.16
N LEU A 25 -5.36 -1.17 1.53
CA LEU A 25 -4.99 0.24 1.71
C LEU A 25 -4.75 0.61 3.16
N ASN A 26 -5.62 0.18 4.06
CA ASN A 26 -5.44 0.49 5.49
C ASN A 26 -4.03 0.08 5.97
N GLU A 27 -3.71 -1.19 5.83
CA GLU A 27 -2.40 -1.71 6.24
C GLU A 27 -1.31 -1.22 5.29
N LEU A 28 -1.66 -1.15 4.01
CA LEU A 28 -0.75 -0.68 2.96
C LEU A 28 -0.24 0.74 3.27
N GLU A 29 -1.16 1.63 3.61
CA GLU A 29 -0.79 3.01 3.94
C GLU A 29 0.03 3.05 5.23
N ALA A 30 -0.32 2.21 6.20
CA ALA A 30 0.40 2.16 7.45
C ALA A 30 1.84 1.71 7.19
N LEU A 31 1.98 0.72 6.31
CA LEU A 31 3.29 0.22 5.94
C LEU A 31 4.10 1.29 5.18
N ALA A 32 3.42 2.03 4.31
CA ALA A 32 4.06 3.10 3.54
C ALA A 32 4.71 4.13 4.47
N VAL A 33 3.96 4.56 5.48
CA VAL A 33 4.46 5.53 6.46
C VAL A 33 5.67 4.97 7.22
N ARG A 34 5.64 3.67 7.49
CA ARG A 34 6.73 2.98 8.19
C ARG A 34 7.99 2.90 7.33
N LEU A 35 7.81 2.59 6.04
CA LEU A 35 8.93 2.47 5.11
C LEU A 35 9.58 3.82 4.79
N GLY A 36 8.76 4.85 4.58
CA GLY A 36 9.31 6.17 4.28
C GLY A 36 8.38 7.04 3.45
N LYS A 37 8.93 7.71 2.44
CA LYS A 37 8.16 8.59 1.58
C LYS A 37 8.07 8.06 0.15
N SER A 38 9.19 7.55 -0.36
CA SER A 38 9.22 7.01 -1.74
C SER A 38 8.22 5.88 -1.91
N TYR A 39 8.10 5.01 -0.92
CA TYR A 39 7.14 3.91 -0.98
C TYR A 39 5.70 4.44 -0.87
N ARG A 40 5.53 5.55 -0.16
CA ARG A 40 4.22 6.17 -0.01
C ARG A 40 3.73 6.67 -1.37
N ILE A 41 4.66 7.17 -2.16
CA ILE A 41 4.34 7.65 -3.52
C ILE A 41 3.74 6.52 -4.37
N GLN A 42 4.27 5.31 -4.23
CA GLN A 42 3.75 4.15 -4.96
C GLN A 42 2.30 3.89 -4.53
N LEU A 43 2.07 3.96 -3.23
CA LEU A 43 0.75 3.78 -2.66
C LEU A 43 -0.19 4.89 -3.16
N ASP A 44 0.29 6.13 -3.09
CA ASP A 44 -0.45 7.30 -3.56
C ASP A 44 -0.91 7.11 -5.01
N GLN A 45 -0.01 6.62 -5.85
CA GLN A 45 -0.32 6.35 -7.25
C GLN A 45 -1.47 5.34 -7.35
N ALA A 46 -1.47 4.35 -6.46
CA ALA A 46 -2.53 3.34 -6.44
C ALA A 46 -3.85 3.95 -5.93
N LYS A 47 -3.76 4.87 -4.97
CA LYS A 47 -4.96 5.52 -4.43
C LYS A 47 -5.73 6.27 -5.52
N GLU A 48 -5.00 6.99 -6.38
CA GLU A 48 -5.64 7.72 -7.48
C GLU A 48 -6.00 6.77 -8.61
N LYS A 49 -5.25 5.67 -8.72
CA LYS A 49 -5.50 4.63 -9.72
C LYS A 49 -6.92 4.04 -9.55
N TRP A 50 -7.30 3.82 -8.29
CA TRP A 50 -8.63 3.30 -7.99
C TRP A 50 -9.62 4.43 -7.68
N LYS A 51 -9.19 5.67 -7.93
CA LYS A 51 -10.01 6.86 -7.71
C LYS A 51 -10.56 6.95 -6.28
N VAL A 52 -9.69 6.68 -5.30
CA VAL A 52 -10.08 6.75 -3.89
C VAL A 52 -9.85 8.16 -3.34
N LYS A 53 -8.66 8.70 -3.58
CA LYS A 53 -8.32 10.06 -3.11
C LYS A 53 -7.98 10.98 -4.29
N ARG A 1 12.43 -10.55 14.88
CA ARG A 1 12.97 -9.37 14.16
C ARG A 1 12.42 -9.32 12.73
N ASN A 2 12.61 -8.19 12.06
CA ASN A 2 12.15 -7.98 10.67
C ASN A 2 10.61 -7.98 10.58
N LEU A 3 10.04 -6.81 10.38
CA LEU A 3 8.59 -6.66 10.27
C LEU A 3 8.06 -7.12 8.91
N SER A 4 8.95 -7.24 7.92
CA SER A 4 8.56 -7.67 6.56
C SER A 4 7.56 -6.69 5.91
N ASP A 5 7.71 -5.41 6.23
CA ASP A 5 6.83 -4.37 5.70
C ASP A 5 6.96 -4.21 4.18
N ARG A 6 8.20 -4.19 3.68
CA ARG A 6 8.44 -4.04 2.22
C ARG A 6 7.73 -5.16 1.45
N ALA A 7 7.95 -6.40 1.89
CA ALA A 7 7.34 -7.56 1.28
C ALA A 7 5.81 -7.48 1.32
N LYS A 8 5.26 -7.13 2.48
CA LYS A 8 3.81 -7.02 2.63
C LYS A 8 3.25 -5.94 1.69
N PHE A 9 3.96 -4.82 1.62
CA PHE A 9 3.57 -3.70 0.75
C PHE A 9 3.47 -4.13 -0.71
N GLU A 10 4.56 -4.67 -1.25
CA GLU A 10 4.59 -5.11 -2.65
C GLU A 10 3.63 -6.28 -2.89
N SER A 11 3.25 -6.97 -1.82
CA SER A 11 2.33 -8.11 -1.94
C SER A 11 0.90 -7.60 -2.07
N MET A 12 0.56 -6.71 -1.17
CA MET A 12 -0.75 -6.08 -1.12
C MET A 12 -0.99 -5.17 -2.32
N ILE A 13 0.05 -4.47 -2.74
CA ILE A 13 -0.03 -3.54 -3.86
C ILE A 13 -0.17 -4.28 -5.20
N ASN A 14 0.15 -5.57 -5.20
CA ASN A 14 0.10 -6.37 -6.41
C ASN A 14 -1.32 -6.84 -6.76
N SER A 15 -1.81 -6.37 -7.91
CA SER A 15 -3.15 -6.72 -8.43
C SER A 15 -4.26 -6.66 -7.38
N PRO A 16 -4.58 -5.46 -6.85
CA PRO A 16 -5.63 -5.28 -5.87
C PRO A 16 -6.97 -4.84 -6.47
N SER A 17 -8.06 -5.50 -6.07
CA SER A 17 -9.41 -5.16 -6.55
C SER A 17 -9.85 -3.81 -5.97
N LYS A 18 -11.10 -3.40 -6.22
CA LYS A 18 -11.60 -2.15 -5.66
C LYS A 18 -11.82 -2.33 -4.14
N SER A 19 -12.64 -3.32 -3.79
CA SER A 19 -12.91 -3.63 -2.39
C SER A 19 -11.64 -4.15 -1.72
N VAL A 20 -10.82 -4.85 -2.49
CA VAL A 20 -9.56 -5.36 -2.01
C VAL A 20 -8.57 -4.22 -1.75
N PHE A 21 -8.58 -3.23 -2.65
CA PHE A 21 -7.70 -2.07 -2.51
C PHE A 21 -7.93 -1.35 -1.18
N VAL A 22 -9.17 -1.02 -0.87
CA VAL A 22 -9.46 -0.32 0.39
C VAL A 22 -9.09 -1.17 1.63
N ARG A 23 -9.50 -2.44 1.64
CA ARG A 23 -9.20 -3.33 2.77
C ARG A 23 -7.69 -3.45 2.98
N ASN A 24 -6.93 -3.30 1.91
CA ASN A 24 -5.47 -3.35 1.97
C ASN A 24 -4.91 -1.97 2.32
N LEU A 25 -5.45 -0.95 1.64
CA LEU A 25 -5.06 0.46 1.81
C LEU A 25 -4.84 0.84 3.28
N ASN A 26 -5.73 0.39 4.17
CA ASN A 26 -5.57 0.67 5.61
C ASN A 26 -4.15 0.32 6.09
N GLU A 27 -3.77 -0.95 5.94
CA GLU A 27 -2.44 -1.39 6.36
C GLU A 27 -1.38 -0.90 5.37
N LEU A 28 -1.74 -0.88 4.09
CA LEU A 28 -0.84 -0.42 3.03
C LEU A 28 -0.33 1.00 3.32
N GLU A 29 -1.26 1.88 3.67
CA GLU A 29 -0.93 3.27 3.99
C GLU A 29 -0.06 3.33 5.26
N ALA A 30 -0.39 2.50 6.24
CA ALA A 30 0.37 2.46 7.49
C ALA A 30 1.79 1.96 7.24
N LEU A 31 1.92 0.94 6.40
CA LEU A 31 3.23 0.39 6.07
C LEU A 31 4.06 1.41 5.29
N ALA A 32 3.41 2.15 4.40
CA ALA A 32 4.09 3.18 3.61
C ALA A 32 4.75 4.22 4.52
N VAL A 33 4.05 4.57 5.61
CA VAL A 33 4.59 5.53 6.58
C VAL A 33 5.83 4.96 7.27
N ARG A 34 5.76 3.70 7.66
CA ARG A 34 6.89 3.03 8.32
C ARG A 34 8.09 2.87 7.38
N LEU A 35 7.83 2.56 6.11
CA LEU A 35 8.88 2.37 5.12
C LEU A 35 9.57 3.70 4.72
N GLY A 36 8.77 4.69 4.33
CA GLY A 36 9.36 5.98 3.95
C GLY A 36 8.56 6.74 2.89
N LYS A 37 9.00 7.97 2.63
CA LYS A 37 8.35 8.85 1.64
C LYS A 37 8.28 8.23 0.24
N SER A 38 9.32 7.49 -0.16
CA SER A 38 9.34 6.86 -1.49
C SER A 38 8.21 5.83 -1.62
N TYR A 39 7.94 5.11 -0.54
CA TYR A 39 6.87 4.12 -0.53
C TYR A 39 5.50 4.80 -0.44
N ARG A 40 5.47 6.00 0.15
CA ARG A 40 4.24 6.77 0.25
C ARG A 40 3.74 7.11 -1.16
N ILE A 41 4.69 7.38 -2.05
CA ILE A 41 4.38 7.69 -3.44
C ILE A 41 3.77 6.47 -4.14
N GLN A 42 4.35 5.28 -3.89
CA GLN A 42 3.84 4.04 -4.47
C GLN A 42 2.40 3.80 -4.01
N LEU A 43 2.16 4.01 -2.73
CA LEU A 43 0.83 3.86 -2.15
C LEU A 43 -0.14 4.86 -2.80
N ASP A 44 0.29 6.13 -2.84
CA ASP A 44 -0.48 7.20 -3.45
C ASP A 44 -0.81 6.89 -4.92
N GLN A 45 0.17 6.36 -5.65
CA GLN A 45 -0.02 5.98 -7.05
C GLN A 45 -1.15 4.93 -7.17
N ALA A 46 -1.16 3.97 -6.24
CA ALA A 46 -2.20 2.94 -6.23
C ALA A 46 -3.57 3.56 -5.96
N LYS A 47 -3.61 4.61 -5.14
CA LYS A 47 -4.87 5.30 -4.84
C LYS A 47 -5.43 5.95 -6.10
N GLU A 48 -4.55 6.52 -6.92
CA GLU A 48 -4.96 7.15 -8.17
C GLU A 48 -5.39 6.09 -9.18
N LYS A 49 -4.70 4.94 -9.14
CA LYS A 49 -4.99 3.81 -10.00
C LYS A 49 -6.47 3.41 -9.91
N TRP A 50 -7.00 3.43 -8.69
CA TRP A 50 -8.41 3.10 -8.45
C TRP A 50 -9.24 4.36 -8.20
N LYS A 51 -8.58 5.52 -8.20
CA LYS A 51 -9.22 6.82 -7.96
C LYS A 51 -9.93 6.84 -6.60
N VAL A 52 -9.25 6.34 -5.58
CA VAL A 52 -9.80 6.29 -4.22
C VAL A 52 -9.13 7.34 -3.33
N LYS A 53 -9.94 8.18 -2.71
CA LYS A 53 -9.43 9.24 -1.81
C LYS A 53 -10.12 9.19 -0.44
N ARG A 1 8.32 -12.99 7.93
CA ARG A 1 9.74 -13.27 8.26
C ARG A 1 10.45 -12.00 8.79
N ASN A 2 10.46 -11.84 10.11
CA ASN A 2 11.10 -10.70 10.77
C ASN A 2 10.51 -9.35 10.31
N LEU A 3 11.12 -8.75 9.29
CA LEU A 3 10.65 -7.46 8.76
C LEU A 3 9.33 -7.66 7.99
N SER A 4 8.26 -7.05 8.47
CA SER A 4 6.95 -7.20 7.83
C SER A 4 6.52 -5.99 7.00
N ASP A 5 7.01 -4.80 7.37
CA ASP A 5 6.64 -3.56 6.67
C ASP A 5 6.81 -3.63 5.15
N ARG A 6 8.05 -3.81 4.69
CA ARG A 6 8.33 -3.88 3.25
C ARG A 6 7.62 -5.06 2.57
N ALA A 7 7.74 -6.24 3.17
CA ALA A 7 7.11 -7.45 2.63
C ALA A 7 5.60 -7.30 2.47
N LYS A 8 4.93 -6.79 3.51
CA LYS A 8 3.48 -6.60 3.45
C LYS A 8 3.11 -5.61 2.35
N PHE A 9 3.87 -4.53 2.26
CA PHE A 9 3.66 -3.50 1.25
C PHE A 9 3.67 -4.06 -0.17
N GLU A 10 4.78 -4.68 -0.54
CA GLU A 10 4.93 -5.27 -1.88
C GLU A 10 3.92 -6.39 -2.13
N SER A 11 3.45 -7.03 -1.06
CA SER A 11 2.49 -8.14 -1.20
C SER A 11 1.10 -7.59 -1.44
N MET A 12 0.79 -6.58 -0.66
CA MET A 12 -0.48 -5.89 -0.72
C MET A 12 -0.65 -5.10 -2.01
N ILE A 13 0.43 -4.46 -2.43
CA ILE A 13 0.46 -3.65 -3.65
C ILE A 13 0.43 -4.52 -4.92
N ASN A 14 0.65 -5.82 -4.76
CA ASN A 14 0.67 -6.74 -5.89
C ASN A 14 -0.74 -7.06 -6.41
N SER A 15 -1.11 -6.42 -7.52
CA SER A 15 -2.44 -6.61 -8.16
C SER A 15 -3.59 -6.62 -7.15
N PRO A 16 -3.89 -5.48 -6.53
CA PRO A 16 -4.97 -5.37 -5.55
C PRO A 16 -6.34 -5.10 -6.17
N SER A 17 -7.36 -5.82 -5.69
CA SER A 17 -8.73 -5.64 -6.17
C SER A 17 -9.32 -4.36 -5.56
N LYS A 18 -10.56 -4.02 -5.87
CA LYS A 18 -11.19 -2.81 -5.31
C LYS A 18 -11.38 -2.92 -3.79
N SER A 19 -12.22 -3.88 -3.37
CA SER A 19 -12.48 -4.10 -1.94
C SER A 19 -11.19 -4.52 -1.23
N VAL A 20 -10.34 -5.22 -1.96
CA VAL A 20 -9.06 -5.66 -1.43
C VAL A 20 -8.12 -4.46 -1.22
N PHE A 21 -8.14 -3.53 -2.18
CA PHE A 21 -7.31 -2.32 -2.12
C PHE A 21 -7.58 -1.53 -0.83
N VAL A 22 -8.85 -1.24 -0.55
CA VAL A 22 -9.19 -0.49 0.66
C VAL A 22 -8.80 -1.23 1.95
N ARG A 23 -9.19 -2.50 2.04
CA ARG A 23 -8.87 -3.32 3.22
C ARG A 23 -7.36 -3.38 3.46
N ASN A 24 -6.60 -3.39 2.37
CA ASN A 24 -5.14 -3.43 2.47
C ASN A 24 -4.59 -2.02 2.70
N LEU A 25 -5.21 -1.03 2.05
CA LEU A 25 -4.84 0.38 2.17
C LEU A 25 -4.66 0.80 3.62
N ASN A 26 -5.53 0.31 4.50
CA ASN A 26 -5.42 0.62 5.94
C ASN A 26 -3.97 0.41 6.45
N GLU A 27 -3.50 -0.84 6.40
CA GLU A 27 -2.15 -1.18 6.83
C GLU A 27 -1.13 -0.61 5.84
N LEU A 28 -1.51 -0.60 4.57
CA LEU A 28 -0.67 -0.08 3.51
C LEU A 28 -0.26 1.37 3.80
N GLU A 29 -1.25 2.18 4.22
CA GLU A 29 -1.02 3.57 4.57
C GLU A 29 -0.07 3.69 5.75
N ALA A 30 -0.29 2.85 6.77
CA ALA A 30 0.56 2.86 7.95
C ALA A 30 1.99 2.42 7.60
N LEU A 31 2.09 1.42 6.74
CA LEU A 31 3.39 0.91 6.31
C LEU A 31 4.14 1.93 5.45
N ALA A 32 3.41 2.61 4.55
CA ALA A 32 4.00 3.61 3.67
C ALA A 32 4.71 4.70 4.47
N VAL A 33 4.05 5.19 5.52
CA VAL A 33 4.61 6.22 6.38
C VAL A 33 5.86 5.71 7.11
N ARG A 34 5.79 4.48 7.60
CA ARG A 34 6.90 3.87 8.33
C ARG A 34 8.12 3.61 7.43
N LEU A 35 7.87 3.14 6.21
CA LEU A 35 8.95 2.83 5.27
C LEU A 35 9.65 4.09 4.72
N GLY A 36 8.90 5.01 4.13
CA GLY A 36 9.53 6.21 3.60
C GLY A 36 8.66 7.01 2.62
N LYS A 37 9.22 8.09 2.09
CA LYS A 37 8.52 8.97 1.15
C LYS A 37 8.17 8.26 -0.17
N SER A 38 9.11 7.48 -0.71
CA SER A 38 8.88 6.77 -1.97
C SER A 38 7.63 5.89 -1.89
N TYR A 39 7.47 5.17 -0.78
CA TYR A 39 6.31 4.31 -0.58
C TYR A 39 5.04 5.13 -0.40
N ARG A 40 5.16 6.27 0.27
CA ARG A 40 4.04 7.17 0.49
C ARG A 40 3.48 7.62 -0.87
N ILE A 41 4.40 7.93 -1.78
CA ILE A 41 4.03 8.33 -3.14
C ILE A 41 3.48 7.13 -3.92
N GLN A 42 4.15 5.98 -3.78
CA GLN A 42 3.72 4.74 -4.44
C GLN A 42 2.24 4.45 -4.14
N LEU A 43 1.86 4.60 -2.88
CA LEU A 43 0.49 4.37 -2.48
C LEU A 43 -0.45 5.39 -3.13
N ASP A 44 -0.09 6.67 -3.05
CA ASP A 44 -0.86 7.74 -3.67
C ASP A 44 -1.07 7.46 -5.16
N GLN A 45 -0.02 6.95 -5.79
CA GLN A 45 -0.06 6.58 -7.20
C GLN A 45 -1.09 5.45 -7.42
N ALA A 46 -1.10 4.49 -6.50
CA ALA A 46 -2.05 3.38 -6.56
C ALA A 46 -3.50 3.87 -6.39
N LYS A 47 -3.68 4.90 -5.56
CA LYS A 47 -5.01 5.49 -5.35
C LYS A 47 -5.57 6.05 -6.66
N GLU A 48 -4.70 6.73 -7.40
CA GLU A 48 -5.08 7.30 -8.69
C GLU A 48 -5.29 6.18 -9.71
N LYS A 49 -4.43 5.16 -9.61
CA LYS A 49 -4.51 3.98 -10.47
C LYS A 49 -5.90 3.31 -10.35
N TRP A 50 -6.43 3.28 -9.13
CA TRP A 50 -7.74 2.68 -8.88
C TRP A 50 -8.87 3.72 -8.90
N LYS A 51 -8.50 4.99 -9.04
CA LYS A 51 -9.46 6.10 -9.08
C LYS A 51 -10.26 6.20 -7.77
N VAL A 52 -9.62 5.88 -6.65
CA VAL A 52 -10.27 5.93 -5.34
C VAL A 52 -9.96 7.26 -4.63
N LYS A 53 -11.01 7.95 -4.20
CA LYS A 53 -10.85 9.24 -3.52
C LYS A 53 -10.45 9.07 -2.05
N ARG A 1 13.66 -4.28 10.62
CA ARG A 1 13.81 -5.35 9.60
C ARG A 1 13.07 -6.63 9.98
N ASN A 2 12.87 -6.88 11.27
CA ASN A 2 12.16 -8.08 11.74
C ASN A 2 10.76 -8.17 11.09
N LEU A 3 9.97 -7.13 11.28
CA LEU A 3 8.65 -7.08 10.68
C LEU A 3 8.79 -6.65 9.21
N SER A 4 8.49 -7.56 8.29
CA SER A 4 8.64 -7.27 6.87
C SER A 4 7.51 -6.41 6.30
N ASP A 5 7.63 -5.10 6.48
CA ASP A 5 6.65 -4.15 5.96
C ASP A 5 6.74 -4.12 4.43
N ARG A 6 7.97 -4.25 3.93
CA ARG A 6 8.23 -4.24 2.49
C ARG A 6 7.51 -5.37 1.76
N ALA A 7 7.75 -6.61 2.19
CA ALA A 7 7.11 -7.77 1.55
C ALA A 7 5.59 -7.66 1.64
N LYS A 8 5.08 -7.25 2.79
CA LYS A 8 3.64 -7.08 2.99
C LYS A 8 3.07 -6.06 2.00
N PHE A 9 3.75 -4.93 1.87
CA PHE A 9 3.36 -3.85 0.96
C PHE A 9 3.19 -4.33 -0.47
N GLU A 10 4.29 -4.81 -1.05
CA GLU A 10 4.27 -5.31 -2.44
C GLU A 10 3.40 -6.56 -2.58
N SER A 11 3.07 -7.19 -1.46
CA SER A 11 2.24 -8.40 -1.48
C SER A 11 0.79 -8.01 -1.67
N MET A 12 0.37 -7.04 -0.88
CA MET A 12 -0.97 -6.51 -0.93
C MET A 12 -1.21 -5.72 -2.22
N ILE A 13 -0.18 -5.01 -2.65
CA ILE A 13 -0.25 -4.20 -3.86
C ILE A 13 -0.27 -5.07 -5.13
N ASN A 14 0.13 -6.34 -5.00
CA ASN A 14 0.18 -7.27 -6.13
C ASN A 14 -1.21 -7.65 -6.67
N SER A 15 -1.53 -7.13 -7.86
CA SER A 15 -2.81 -7.41 -8.55
C SER A 15 -4.04 -7.28 -7.63
N PRO A 16 -4.39 -6.05 -7.23
CA PRO A 16 -5.54 -5.80 -6.38
C PRO A 16 -6.78 -5.30 -7.15
N SER A 17 -7.68 -4.65 -6.45
CA SER A 17 -8.91 -4.10 -7.03
C SER A 17 -9.29 -2.82 -6.28
N LYS A 18 -10.22 -2.03 -6.80
CA LYS A 18 -10.62 -0.79 -6.11
C LYS A 18 -11.12 -1.07 -4.68
N SER A 19 -12.12 -1.92 -4.55
CA SER A 19 -12.68 -2.28 -3.23
C SER A 19 -11.64 -3.01 -2.38
N VAL A 20 -10.87 -3.89 -3.02
CA VAL A 20 -9.82 -4.65 -2.35
C VAL A 20 -8.73 -3.69 -1.83
N PHE A 21 -8.38 -2.70 -2.63
CA PHE A 21 -7.37 -1.74 -2.25
C PHE A 21 -7.75 -0.95 -1.01
N VAL A 22 -8.98 -0.49 -0.89
CA VAL A 22 -9.38 0.26 0.32
C VAL A 22 -9.31 -0.60 1.58
N ARG A 23 -9.91 -1.81 1.51
CA ARG A 23 -9.94 -2.71 2.66
C ARG A 23 -8.52 -3.06 3.15
N ASN A 24 -7.55 -3.12 2.25
CA ASN A 24 -6.17 -3.41 2.67
C ASN A 24 -5.35 -2.11 2.79
N LEU A 25 -5.87 -1.02 2.20
CA LEU A 25 -5.23 0.30 2.24
C LEU A 25 -4.96 0.73 3.67
N ASN A 26 -5.88 0.43 4.58
CA ASN A 26 -5.68 0.78 6.00
C ASN A 26 -4.27 0.35 6.48
N GLU A 27 -3.98 -0.95 6.40
CA GLU A 27 -2.67 -1.46 6.81
C GLU A 27 -1.60 -1.05 5.77
N LEU A 28 -2.01 -1.02 4.51
CA LEU A 28 -1.12 -0.63 3.42
C LEU A 28 -0.55 0.78 3.65
N GLU A 29 -1.40 1.69 4.11
CA GLU A 29 -1.00 3.07 4.41
C GLU A 29 -0.01 3.08 5.57
N ALA A 30 -0.29 2.28 6.60
CA ALA A 30 0.59 2.19 7.75
C ALA A 30 1.94 1.64 7.33
N LEU A 31 1.91 0.61 6.48
CA LEU A 31 3.13 0.01 5.98
C LEU A 31 3.98 1.01 5.19
N ALA A 32 3.32 1.79 4.32
CA ALA A 32 4.01 2.80 3.51
C ALA A 32 4.73 3.82 4.40
N VAL A 33 4.01 4.34 5.39
CA VAL A 33 4.58 5.32 6.32
C VAL A 33 5.77 4.72 7.11
N ARG A 34 5.62 3.45 7.49
CA ARG A 34 6.68 2.75 8.22
C ARG A 34 7.93 2.54 7.36
N LEU A 35 7.73 2.17 6.10
CA LEU A 35 8.84 1.94 5.18
C LEU A 35 9.54 3.25 4.79
N GLY A 36 8.78 4.23 4.33
CA GLY A 36 9.36 5.51 3.94
C GLY A 36 8.46 6.33 3.03
N LYS A 37 8.82 7.61 2.85
CA LYS A 37 8.04 8.53 2.01
C LYS A 37 7.97 8.05 0.55
N SER A 38 9.06 7.47 0.07
CA SER A 38 9.11 6.96 -1.32
C SER A 38 8.05 5.88 -1.55
N TYR A 39 7.84 5.05 -0.54
CA TYR A 39 6.85 3.98 -0.61
C TYR A 39 5.42 4.52 -0.54
N ARG A 40 5.23 5.58 0.24
CA ARG A 40 3.92 6.21 0.36
C ARG A 40 3.49 6.74 -1.02
N ILE A 41 4.46 7.23 -1.78
CA ILE A 41 4.20 7.73 -3.13
C ILE A 41 3.71 6.59 -4.03
N GLN A 42 4.38 5.43 -3.95
CA GLN A 42 3.98 4.25 -4.72
C GLN A 42 2.55 3.85 -4.35
N LEU A 43 2.25 3.92 -3.06
CA LEU A 43 0.91 3.60 -2.56
C LEU A 43 -0.10 4.59 -3.15
N ASP A 44 0.21 5.89 -3.04
CA ASP A 44 -0.63 6.96 -3.57
C ASP A 44 -0.90 6.74 -5.06
N GLN A 45 0.13 6.28 -5.78
CA GLN A 45 0.01 5.98 -7.20
C GLN A 45 -1.11 4.95 -7.43
N ALA A 46 -1.12 3.91 -6.60
CA ALA A 46 -2.16 2.88 -6.69
C ALA A 46 -3.52 3.44 -6.26
N LYS A 47 -3.52 4.35 -5.28
CA LYS A 47 -4.75 4.98 -4.82
C LYS A 47 -5.45 5.72 -5.96
N GLU A 48 -4.68 6.45 -6.76
CA GLU A 48 -5.22 7.19 -7.90
C GLU A 48 -5.68 6.21 -8.98
N LYS A 49 -4.95 5.10 -9.10
CA LYS A 49 -5.27 4.06 -10.07
C LYS A 49 -6.65 3.45 -9.80
N TRP A 50 -6.94 3.19 -8.53
CA TRP A 50 -8.22 2.61 -8.13
C TRP A 50 -9.26 3.68 -7.74
N LYS A 51 -8.89 4.95 -7.90
CA LYS A 51 -9.78 6.08 -7.60
C LYS A 51 -10.17 6.14 -6.10
N VAL A 52 -9.23 5.77 -5.22
CA VAL A 52 -9.48 5.80 -3.77
C VAL A 52 -8.32 6.46 -3.02
N LYS A 53 -8.34 7.78 -2.97
CA LYS A 53 -7.28 8.55 -2.29
C LYS A 53 -7.72 9.02 -0.88
#